data_1XFF
#
_entry.id   1XFF
#
_cell.length_a   70.380
_cell.length_b   82.520
_cell.length_c   86.050
_cell.angle_alpha   90.00
_cell.angle_beta   90.00
_cell.angle_gamma   90.00
#
_symmetry.space_group_name_H-M   'P 21 21 21'
#
loop_
_entity.id
_entity.type
_entity.pdbx_description
1 polymer 'Glucosamine--fructose-6-phosphate aminotransferase [isomerizing]'
2 non-polymer 'SODIUM ION'
3 non-polymer 'ACETATE ION'
4 non-polymer 'GLUTAMIC ACID'
5 water water
#
_entity_poly.entity_id   1
_entity_poly.type   'polypeptide(L)'
_entity_poly.pdbx_seq_one_letter_code
;CGIVGAIAQRDVAEILLEGLRRLEYRGYDSAGLAVVDAEGHMTRLRRLGKVQMLAQAAEEHPLHGGTGIAHTRWATHGEP
SEVNAHPHVSEHIVVVHNGIIENHEPLREELKARGYTFVSETDTEVIAHLVNWELKQGGTLREAVLRAIPQLRGAYGTVI
MDSRHPDTLLAARSGSPLVIGLGMGENFIASDQLALLPVTRRFIFLEEGDIAEITRRSVNIFDKTGAEVKRQDIESNLQY
;
_entity_poly.pdbx_strand_id   A,B
#
loop_
_chem_comp.id
_chem_comp.type
_chem_comp.name
_chem_comp.formula
ACT non-polymer 'ACETATE ION' 'C2 H3 O2 -1'
NA non-polymer 'SODIUM ION' 'Na 1'
#
# COMPACT_ATOMS: atom_id res chain seq x y z
N CYS A 1 -17.93 16.88 -7.25
CA CYS A 1 -18.55 15.77 -8.03
C CYS A 1 -17.92 14.43 -7.71
N GLY A 2 -16.59 14.33 -7.80
CA GLY A 2 -15.92 13.12 -7.36
C GLY A 2 -14.99 13.46 -6.18
N ILE A 3 -14.97 12.60 -5.16
CA ILE A 3 -14.09 12.78 -4.00
C ILE A 3 -13.30 11.50 -3.84
N VAL A 4 -12.00 11.64 -3.58
CA VAL A 4 -11.20 10.50 -3.19
C VAL A 4 -10.30 10.95 -2.05
N GLY A 5 -10.08 10.10 -1.06
CA GLY A 5 -9.16 10.53 0.02
C GLY A 5 -8.39 9.31 0.48
N ALA A 6 -7.27 9.52 1.18
CA ALA A 6 -6.49 8.34 1.55
C ALA A 6 -5.71 8.71 2.78
N ILE A 7 -5.45 7.74 3.64
CA ILE A 7 -4.58 8.02 4.77
C ILE A 7 -3.75 6.75 4.93
N ALA A 8 -2.45 6.88 4.67
CA ALA A 8 -1.61 5.72 4.47
C ALA A 8 -0.22 6.03 5.01
N GLN A 9 0.61 5.01 4.99
CA GLN A 9 2.01 5.24 5.29
C GLN A 9 2.73 5.70 3.99
N ARG A 10 2.38 5.10 2.86
CA ARG A 10 3.01 5.44 1.60
C ARG A 10 2.46 6.74 1.03
N ASP A 11 3.16 7.32 0.06
CA ASP A 11 2.67 8.53 -0.58
C ASP A 11 1.36 8.18 -1.30
N VAL A 12 0.40 9.08 -1.20
CA VAL A 12 -0.95 8.77 -1.76
C VAL A 12 -1.28 9.55 -3.01
N ALA A 13 -0.42 10.49 -3.42
CA ALA A 13 -0.80 11.35 -4.57
C ALA A 13 -1.19 10.53 -5.80
N GLU A 14 -0.39 9.49 -6.10
CA GLU A 14 -0.66 8.70 -7.28
C GLU A 14 -1.99 7.97 -7.16
N ILE A 15 -2.31 7.47 -5.98
CA ILE A 15 -3.58 6.77 -5.76
C ILE A 15 -4.73 7.76 -5.89
N LEU A 16 -4.55 8.98 -5.37
CA LEU A 16 -5.62 9.97 -5.54
C LEU A 16 -5.87 10.33 -6.99
N LEU A 17 -4.78 10.52 -7.73
CA LEU A 17 -4.91 10.91 -9.12
C LEU A 17 -5.56 9.79 -9.90
N GLU A 18 -5.21 8.53 -9.59
CA GLU A 18 -5.87 7.43 -10.30
C GLU A 18 -7.36 7.35 -9.97
N GLY A 19 -7.69 7.65 -8.71
CA GLY A 19 -9.06 7.67 -8.29
C GLY A 19 -9.80 8.73 -9.08
N LEU A 20 -9.21 9.91 -9.22
CA LEU A 20 -9.88 10.94 -10.01
C LEU A 20 -10.10 10.52 -11.44
N ARG A 21 -9.11 9.85 -12.03
CA ARG A 21 -9.24 9.38 -13.42
C ARG A 21 -10.44 8.50 -13.55
N ARG A 22 -10.67 7.68 -12.53
CA ARG A 22 -11.79 6.74 -12.49
C ARG A 22 -13.13 7.43 -12.30
N LEU A 23 -13.11 8.69 -11.87
CA LEU A 23 -14.32 9.47 -11.63
C LEU A 23 -14.63 10.44 -12.77
N GLU A 24 -13.75 10.53 -13.76
CA GLU A 24 -13.95 11.54 -14.83
C GLU A 24 -15.25 11.33 -15.61
N TYR A 25 -15.68 10.08 -15.73
CA TYR A 25 -16.87 9.77 -16.52
C TYR A 25 -18.10 10.53 -16.03
N ARG A 26 -18.10 10.98 -14.77
CA ARG A 26 -19.27 11.74 -14.25
C ARG A 26 -19.34 13.16 -14.79
N GLY A 27 -18.24 13.63 -15.37
CA GLY A 27 -18.15 15.00 -15.86
C GLY A 27 -17.63 15.96 -14.79
N TYR A 28 -16.98 17.05 -15.22
CA TYR A 28 -16.37 17.98 -14.26
C TYR A 28 -15.71 19.12 -15.04
N ASP A 29 -15.43 20.22 -14.36
CA ASP A 29 -14.77 21.37 -14.97
C ASP A 29 -13.42 21.66 -14.38
N SER A 30 -13.11 21.11 -13.22
CA SER A 30 -11.83 21.41 -12.57
C SER A 30 -11.51 20.30 -11.58
N ALA A 31 -10.30 20.28 -11.06
CA ALA A 31 -9.94 19.17 -10.16
C ALA A 31 -8.80 19.68 -9.34
N GLY A 32 -8.57 19.00 -8.21
CA GLY A 32 -7.49 19.46 -7.33
C GLY A 32 -7.21 18.41 -6.29
N LEU A 33 -6.04 18.51 -5.69
CA LEU A 33 -5.73 17.60 -4.56
C LEU A 33 -4.86 18.33 -3.56
N ALA A 34 -4.80 17.78 -2.34
CA ALA A 34 -3.94 18.31 -1.29
C ALA A 34 -3.42 17.12 -0.57
N VAL A 35 -2.15 17.13 -0.27
CA VAL A 35 -1.52 16.03 0.49
C VAL A 35 -0.74 16.65 1.62
N VAL A 36 -0.65 15.90 2.71
CA VAL A 36 0.08 16.46 3.89
C VAL A 36 1.05 15.39 4.33
N ASP A 37 2.30 15.76 4.60
CA ASP A 37 3.22 14.76 5.13
C ASP A 37 3.20 14.64 6.63
N ALA A 38 4.04 13.74 7.15
CA ALA A 38 3.99 13.37 8.56
C ALA A 38 4.27 14.57 9.46
N GLU A 39 4.98 15.56 8.91
CA GLU A 39 5.31 16.78 9.63
C GLU A 39 4.34 17.91 9.45
N GLY A 40 3.22 17.67 8.78
CA GLY A 40 2.23 18.69 8.67
C GLY A 40 2.47 19.64 7.49
N HIS A 41 3.43 19.31 6.63
CA HIS A 41 3.62 20.09 5.42
C HIS A 41 2.59 19.72 4.36
N MET A 42 1.75 20.69 4.01
CA MET A 42 0.64 20.51 3.05
C MET A 42 1.03 21.05 1.70
N THR A 43 0.78 20.27 0.64
CA THR A 43 0.95 20.74 -0.73
C THR A 43 -0.43 20.66 -1.39
N ARG A 44 -0.88 21.75 -2.01
CA ARG A 44 -2.19 21.76 -2.70
C ARG A 44 -2.00 22.17 -4.15
N LEU A 45 -2.64 21.46 -5.07
CA LEU A 45 -2.50 21.77 -6.45
C LEU A 45 -3.88 21.72 -7.05
N ARG A 46 -4.27 22.75 -7.79
CA ARG A 46 -5.63 22.73 -8.40
C ARG A 46 -5.54 23.22 -9.83
N ARG A 47 -6.43 22.76 -10.70
CA ARG A 47 -6.43 23.24 -12.10
C ARG A 47 -7.82 23.38 -12.62
N LEU A 48 -8.05 24.47 -13.33
CA LEU A 48 -9.20 24.56 -14.15
C LEU A 48 -8.91 23.66 -15.37
N GLY A 49 -9.77 22.70 -15.61
CA GLY A 49 -9.52 21.83 -16.73
C GLY A 49 -9.51 20.35 -16.31
N LYS A 50 -8.73 19.56 -17.02
CA LYS A 50 -8.85 18.09 -16.91
C LYS A 50 -7.91 17.51 -15.88
N VAL A 51 -8.27 16.34 -15.37
CA VAL A 51 -7.39 15.63 -14.44
C VAL A 51 -6.02 15.43 -15.07
N GLN A 52 -5.97 15.22 -16.39
CA GLN A 52 -4.64 15.01 -17.01
C GLN A 52 -3.76 16.25 -16.83
N MET A 53 -4.38 17.42 -16.87
CA MET A 53 -3.64 18.66 -16.60
C MET A 53 -3.11 18.69 -15.17
N LEU A 54 -3.92 18.22 -14.22
CA LEU A 54 -3.49 18.19 -12.85
C LEU A 54 -2.37 17.19 -12.66
N ALA A 55 -2.49 16.03 -13.34
CA ALA A 55 -1.50 14.96 -13.20
C ALA A 55 -0.18 15.43 -13.78
N GLN A 56 -0.25 16.16 -14.88
CA GLN A 56 0.98 16.72 -15.43
C GLN A 56 1.66 17.70 -14.48
N ALA A 57 0.89 18.60 -13.87
CA ALA A 57 1.47 19.54 -12.90
C ALA A 57 2.02 18.80 -11.70
N ALA A 58 1.37 17.71 -11.31
CA ALA A 58 1.85 16.96 -10.15
C ALA A 58 3.19 16.34 -10.46
N GLU A 59 3.44 16.05 -11.74
CA GLU A 59 4.71 15.43 -12.15
C GLU A 59 5.89 16.38 -12.00
N GLU A 60 5.61 17.67 -11.91
CA GLU A 60 6.65 18.67 -11.74
C GLU A 60 6.80 19.09 -10.28
N HIS A 61 5.73 18.91 -9.51
CA HIS A 61 5.73 19.24 -8.10
C HIS A 61 5.45 17.97 -7.31
N PRO A 62 6.28 16.94 -7.46
CA PRO A 62 6.00 15.65 -6.84
C PRO A 62 5.54 15.80 -5.39
N LEU A 63 4.29 15.42 -5.13
CA LEU A 63 3.69 15.65 -3.83
C LEU A 63 3.98 14.51 -2.84
N HIS A 64 4.65 14.81 -1.75
CA HIS A 64 4.90 13.72 -0.81
C HIS A 64 3.99 13.84 0.36
N GLY A 65 3.55 12.69 0.86
CA GLY A 65 2.74 12.71 2.05
C GLY A 65 1.73 11.54 2.01
N GLY A 66 1.43 11.02 3.18
CA GLY A 66 0.58 9.84 3.26
C GLY A 66 -0.87 10.16 3.52
N THR A 67 -1.22 11.45 3.63
CA THR A 67 -2.63 11.80 3.92
C THR A 67 -3.09 12.80 2.88
N GLY A 68 -4.23 12.57 2.21
CA GLY A 68 -4.57 13.54 1.13
C GLY A 68 -6.02 13.40 0.73
N ILE A 69 -6.56 14.43 0.09
CA ILE A 69 -7.91 14.38 -0.44
C ILE A 69 -7.86 15.03 -1.82
N ALA A 70 -8.82 14.65 -2.67
CA ALA A 70 -8.81 15.11 -4.05
C ALA A 70 -10.25 15.20 -4.51
N HIS A 71 -10.47 15.94 -5.60
CA HIS A 71 -11.84 16.27 -5.94
C HIS A 71 -11.88 16.62 -7.39
N THR A 72 -12.95 16.20 -8.08
CA THR A 72 -13.31 16.80 -9.37
C THR A 72 -14.58 17.57 -9.11
N ARG A 73 -14.62 18.78 -9.66
CA ARG A 73 -15.72 19.67 -9.37
C ARG A 73 -16.69 19.74 -10.53
N TRP A 74 -17.98 19.83 -10.22
CA TRP A 74 -18.96 20.24 -11.22
C TRP A 74 -19.64 21.48 -10.66
N ALA A 75 -19.24 22.65 -11.14
CA ALA A 75 -19.53 23.88 -10.45
C ALA A 75 -21.02 24.11 -10.27
N THR A 76 -21.44 24.49 -9.06
CA THR A 76 -22.79 25.00 -8.84
C THR A 76 -22.75 26.42 -8.29
N HIS A 77 -21.75 26.73 -7.46
CA HIS A 77 -21.64 28.01 -6.82
C HIS A 77 -20.29 28.61 -7.13
N GLY A 78 -20.25 29.57 -8.04
CA GLY A 78 -18.98 30.20 -8.39
C GLY A 78 -18.54 29.60 -9.72
N GLU A 79 -18.06 30.44 -10.64
CA GLU A 79 -17.74 29.94 -11.97
C GLU A 79 -16.54 28.99 -11.89
N PRO A 80 -16.38 28.10 -12.86
CA PRO A 80 -15.16 27.28 -12.90
C PRO A 80 -13.94 28.16 -12.99
N SER A 81 -13.02 27.99 -12.06
CA SER A 81 -11.77 28.75 -12.04
C SER A 81 -10.90 28.03 -11.06
N GLU A 82 -9.61 28.30 -11.11
CA GLU A 82 -8.74 27.59 -10.20
C GLU A 82 -9.08 28.05 -8.80
N VAL A 83 -9.42 29.34 -8.65
CA VAL A 83 -9.72 29.86 -7.28
C VAL A 83 -10.88 29.11 -6.61
N ASN A 84 -11.86 28.72 -7.41
CA ASN A 84 -13.06 28.06 -6.90
C ASN A 84 -12.93 26.53 -6.85
N ALA A 85 -11.89 25.99 -7.46
CA ALA A 85 -11.66 24.53 -7.36
C ALA A 85 -11.36 24.10 -5.90
N HIS A 86 -11.66 22.83 -5.61
CA HIS A 86 -11.31 22.32 -4.33
C HIS A 86 -10.05 21.48 -4.44
N PRO A 87 -9.26 21.37 -3.34
CA PRO A 87 -9.74 21.46 -1.98
C PRO A 87 -9.75 22.97 -1.60
N HIS A 88 -10.65 23.37 -0.73
CA HIS A 88 -10.59 24.71 -0.13
C HIS A 88 -9.97 24.67 1.23
N VAL A 89 -9.38 25.80 1.67
CA VAL A 89 -8.64 25.78 2.89
C VAL A 89 -9.11 26.87 3.83
N SER A 90 -8.84 26.67 5.10
CA SER A 90 -9.00 27.76 6.07
C SER A 90 -7.86 27.50 7.01
N GLU A 91 -6.73 28.12 6.67
CA GLU A 91 -5.48 27.93 7.41
C GLU A 91 -5.12 26.44 7.32
N HIS A 92 -5.24 25.69 8.41
CA HIS A 92 -4.83 24.29 8.39
C HIS A 92 -5.99 23.34 8.01
N ILE A 93 -7.20 23.85 7.96
CA ILE A 93 -8.35 22.98 7.63
C ILE A 93 -8.47 22.92 6.10
N VAL A 94 -8.65 21.70 5.56
CA VAL A 94 -8.64 21.52 4.11
C VAL A 94 -9.87 20.64 3.80
N VAL A 95 -10.68 21.03 2.82
CA VAL A 95 -11.99 20.37 2.61
C VAL A 95 -12.17 20.08 1.14
N VAL A 96 -12.79 18.94 0.87
CA VAL A 96 -13.41 18.72 -0.44
C VAL A 96 -14.88 18.44 -0.21
N HIS A 97 -15.68 18.75 -1.20
CA HIS A 97 -17.12 18.69 -0.92
C HIS A 97 -17.91 18.34 -2.19
N ASN A 98 -18.85 17.40 -2.08
CA ASN A 98 -19.80 17.15 -3.19
C ASN A 98 -21.14 17.66 -2.75
N GLY A 99 -21.85 18.30 -3.66
CA GLY A 99 -23.22 18.70 -3.35
C GLY A 99 -23.30 20.18 -3.08
N ILE A 100 -24.32 20.57 -2.31
CA ILE A 100 -24.61 21.98 -2.11
C ILE A 100 -24.93 22.24 -0.66
N ILE A 101 -24.41 23.35 -0.17
CA ILE A 101 -24.73 23.81 1.18
C ILE A 101 -25.77 24.90 0.95
N GLU A 102 -27.04 24.53 1.14
CA GLU A 102 -28.12 25.43 0.79
C GLU A 102 -28.10 26.73 1.56
N ASN A 103 -27.63 26.68 2.80
CA ASN A 103 -27.66 27.86 3.65
C ASN A 103 -26.30 28.57 3.69
N HIS A 104 -25.59 28.54 2.57
CA HIS A 104 -24.25 29.09 2.55
C HIS A 104 -24.26 30.61 2.76
N GLU A 105 -25.31 31.28 2.33
CA GLU A 105 -25.34 32.73 2.45
C GLU A 105 -25.30 33.19 3.90
N PRO A 106 -26.29 32.76 4.69
CA PRO A 106 -26.30 33.10 6.10
C PRO A 106 -25.00 32.72 6.79
N LEU A 107 -24.46 31.52 6.53
CA LEU A 107 -23.19 31.15 7.16
C LEU A 107 -21.99 31.98 6.72
N ARG A 108 -21.96 32.32 5.44
CA ARG A 108 -20.87 33.15 4.96
C ARG A 108 -20.89 34.50 5.68
N GLU A 109 -22.08 35.11 5.76
CA GLU A 109 -22.17 36.43 6.44
C GLU A 109 -21.78 36.28 7.90
N GLU A 110 -22.28 35.21 8.51
CA GLU A 110 -21.91 34.87 9.89
C GLU A 110 -20.41 34.71 10.04
N LEU A 111 -19.77 33.97 9.14
CA LEU A 111 -18.34 33.83 9.32
C LEU A 111 -17.57 35.06 8.90
N LYS A 112 -18.07 35.79 7.89
CA LYS A 112 -17.42 37.08 7.59
C LYS A 112 -17.46 37.92 8.88
N ALA A 113 -18.64 38.02 9.50
CA ALA A 113 -18.77 38.85 10.72
C ALA A 113 -17.77 38.34 11.71
N ARG A 114 -17.52 37.02 11.72
CA ARG A 114 -16.57 36.50 12.68
C ARG A 114 -15.14 36.68 12.31
N GLY A 115 -14.85 37.23 11.13
CA GLY A 115 -13.45 37.62 10.83
C GLY A 115 -12.83 36.84 9.67
N TYR A 116 -13.58 35.92 9.09
CA TYR A 116 -13.02 35.16 8.00
C TYR A 116 -13.08 35.90 6.70
N THR A 117 -12.06 35.68 5.90
CA THR A 117 -12.05 36.18 4.54
C THR A 117 -12.34 35.06 3.55
N PHE A 118 -13.34 35.25 2.69
CA PHE A 118 -13.65 34.30 1.66
C PHE A 118 -12.89 34.66 0.40
N VAL A 119 -12.09 33.74 -0.10
CA VAL A 119 -11.34 34.01 -1.32
C VAL A 119 -12.10 33.48 -2.52
N SER A 120 -13.05 32.59 -2.30
CA SER A 120 -13.71 31.95 -3.42
C SER A 120 -15.18 32.35 -3.42
N GLU A 121 -15.89 32.04 -4.50
CA GLU A 121 -17.33 32.26 -4.49
C GLU A 121 -18.12 30.99 -4.18
N THR A 122 -17.47 29.95 -3.62
CA THR A 122 -18.18 28.69 -3.48
C THR A 122 -18.95 28.61 -2.18
N ASP A 123 -19.95 27.74 -2.16
CA ASP A 123 -20.59 27.38 -0.90
C ASP A 123 -19.63 26.56 -0.07
N THR A 124 -18.84 25.72 -0.76
CA THR A 124 -17.85 24.86 -0.11
C THR A 124 -16.95 25.57 0.92
N GLU A 125 -16.48 26.76 0.58
CA GLU A 125 -15.53 27.43 1.43
C GLU A 125 -16.12 27.72 2.84
N VAL A 126 -17.44 27.84 2.94
CA VAL A 126 -18.05 28.03 4.28
C VAL A 126 -17.73 26.82 5.18
N ILE A 127 -17.68 25.63 4.62
CA ILE A 127 -17.38 24.44 5.44
C ILE A 127 -16.01 24.56 6.07
N ALA A 128 -15.02 24.96 5.27
CA ALA A 128 -13.67 25.07 5.76
C ALA A 128 -13.58 26.10 6.87
N HIS A 129 -14.15 27.29 6.64
CA HIS A 129 -14.12 28.33 7.70
C HIS A 129 -14.94 27.91 8.96
N LEU A 130 -16.05 27.24 8.73
CA LEU A 130 -16.85 26.83 9.88
C LEU A 130 -16.09 25.82 10.74
N VAL A 131 -15.49 24.82 10.12
CA VAL A 131 -14.71 23.85 10.92
C VAL A 131 -13.54 24.52 11.62
N ASN A 132 -12.90 25.46 10.93
CA ASN A 132 -11.80 26.18 11.53
C ASN A 132 -12.36 26.94 12.79
N TRP A 133 -13.51 27.59 12.62
CA TRP A 133 -14.18 28.29 13.74
C TRP A 133 -14.45 27.36 14.90
N GLU A 134 -15.09 26.24 14.60
CA GLU A 134 -15.44 25.32 15.68
C GLU A 134 -14.21 24.77 16.38
N LEU A 135 -13.16 24.50 15.61
CA LEU A 135 -11.93 23.97 16.20
C LEU A 135 -11.32 25.00 17.14
N LYS A 136 -11.51 26.28 16.84
CA LYS A 136 -10.93 27.31 17.71
C LYS A 136 -11.59 27.23 19.08
N GLN A 137 -12.84 26.78 19.12
CA GLN A 137 -13.57 26.72 20.37
C GLN A 137 -13.01 25.58 21.27
N GLY A 138 -12.12 24.77 20.73
CA GLY A 138 -11.54 23.65 21.50
C GLY A 138 -11.98 22.27 21.00
N GLY A 139 -11.26 21.24 21.40
CA GLY A 139 -11.63 19.84 21.08
C GLY A 139 -10.87 19.23 19.92
N THR A 140 -11.21 18.00 19.55
CA THR A 140 -10.58 17.35 18.42
C THR A 140 -11.30 17.75 17.14
N LEU A 141 -10.65 17.41 16.03
CA LEU A 141 -11.28 17.57 14.71
C LEU A 141 -12.62 16.84 14.65
N ARG A 142 -12.70 15.60 15.13
CA ARG A 142 -14.01 14.93 15.19
C ARG A 142 -15.09 15.75 15.93
N GLU A 143 -14.74 16.28 17.11
CA GLU A 143 -15.67 17.06 17.91
C GLU A 143 -16.11 18.31 17.18
N ALA A 144 -15.17 19.01 16.56
CA ALA A 144 -15.46 20.23 15.82
C ALA A 144 -16.39 19.93 14.65
N VAL A 145 -16.13 18.80 13.96
CA VAL A 145 -16.99 18.41 12.85
C VAL A 145 -18.36 18.05 13.32
N LEU A 146 -18.45 17.39 14.47
CA LEU A 146 -19.76 17.09 15.01
C LEU A 146 -20.57 18.34 15.33
N ARG A 147 -19.88 19.39 15.72
CA ARG A 147 -20.55 20.65 15.97
C ARG A 147 -20.88 21.43 14.71
N ALA A 148 -20.02 21.33 13.70
CA ALA A 148 -20.25 22.01 12.40
C ALA A 148 -21.41 21.45 11.56
N ILE A 149 -21.42 20.14 11.38
CA ILE A 149 -22.35 19.51 10.43
C ILE A 149 -23.80 19.94 10.66
N PRO A 150 -24.27 19.96 11.92
CA PRO A 150 -25.64 20.37 12.20
C PRO A 150 -25.96 21.79 11.76
N GLN A 151 -24.95 22.61 11.59
CA GLN A 151 -25.20 23.98 11.13
C GLN A 151 -25.40 24.04 9.62
N LEU A 152 -25.02 22.98 8.89
CA LEU A 152 -25.10 23.04 7.44
C LEU A 152 -26.42 22.47 7.02
N ARG A 153 -27.02 23.03 5.97
CA ARG A 153 -28.22 22.44 5.40
C ARG A 153 -27.92 22.17 3.95
N GLY A 154 -28.31 21.02 3.46
CA GLY A 154 -28.07 20.72 2.05
C GLY A 154 -27.93 19.24 1.85
N ALA A 155 -27.73 18.84 0.60
CA ALA A 155 -27.48 17.44 0.28
C ALA A 155 -26.01 17.44 -0.14
N TYR A 156 -25.17 16.86 0.71
CA TYR A 156 -23.72 16.97 0.47
C TYR A 156 -22.99 15.81 1.14
N GLY A 157 -21.74 15.61 0.70
CA GLY A 157 -20.77 14.75 1.39
C GLY A 157 -19.49 15.59 1.48
N THR A 158 -18.73 15.43 2.55
CA THR A 158 -17.49 16.19 2.63
C THR A 158 -16.40 15.40 3.32
N VAL A 159 -15.15 15.66 2.96
CA VAL A 159 -14.05 15.03 3.68
C VAL A 159 -13.17 16.18 4.09
N ILE A 160 -12.72 16.13 5.33
CA ILE A 160 -12.04 17.26 5.97
C ILE A 160 -10.72 16.78 6.58
N MET A 161 -9.66 17.58 6.44
CA MET A 161 -8.44 17.24 7.18
C MET A 161 -7.85 18.48 7.78
N ASP A 162 -6.99 18.26 8.75
CA ASP A 162 -6.34 19.33 9.52
C ASP A 162 -4.87 19.02 9.31
N SER A 163 -4.17 19.89 8.59
CA SER A 163 -2.81 19.58 8.17
C SER A 163 -1.91 19.51 9.41
N ARG A 164 -2.39 20.03 10.52
CA ARG A 164 -1.61 19.96 11.74
C ARG A 164 -1.69 18.58 12.38
N HIS A 165 -2.71 17.80 12.02
CA HIS A 165 -2.85 16.48 12.59
C HIS A 165 -3.15 15.54 11.45
N PRO A 166 -2.14 15.20 10.66
CA PRO A 166 -2.36 14.44 9.43
C PRO A 166 -2.68 12.97 9.67
N ASP A 167 -2.93 12.58 10.91
CA ASP A 167 -3.16 11.15 11.18
C ASP A 167 -4.66 10.83 11.17
N THR A 168 -5.51 11.81 10.86
CA THR A 168 -6.92 11.53 10.86
C THR A 168 -7.62 12.26 9.69
N LEU A 169 -8.62 11.62 9.10
CA LEU A 169 -9.53 12.32 8.18
C LEU A 169 -10.93 12.23 8.76
N LEU A 170 -11.73 13.27 8.56
CA LEU A 170 -13.12 13.24 9.01
C LEU A 170 -13.99 13.30 7.78
N ALA A 171 -15.08 12.57 7.79
CA ALA A 171 -15.94 12.59 6.61
C ALA A 171 -17.38 12.65 7.08
N ALA A 172 -18.27 13.28 6.31
CA ALA A 172 -19.65 13.35 6.75
C ALA A 172 -20.52 13.12 5.52
N ARG A 173 -21.50 12.23 5.68
CA ARG A 173 -22.38 11.89 4.59
C ARG A 173 -23.74 12.47 4.94
N SER A 174 -24.17 13.45 4.15
CA SER A 174 -25.42 14.13 4.48
C SER A 174 -26.17 14.43 3.19
N GLY A 175 -26.49 13.37 2.45
CA GLY A 175 -27.32 13.43 1.25
C GLY A 175 -26.56 13.16 -0.03
N SER A 176 -25.29 12.76 0.10
CA SER A 176 -24.51 12.42 -1.07
C SER A 176 -23.54 11.34 -0.66
N PRO A 177 -23.32 10.34 -1.53
CA PRO A 177 -22.66 9.07 -1.11
C PRO A 177 -21.19 9.19 -0.77
N LEU A 178 -20.78 8.39 0.18
CA LEU A 178 -19.36 8.23 0.51
C LEU A 178 -19.19 6.82 0.94
N VAL A 179 -18.05 6.25 0.56
CA VAL A 179 -17.75 4.85 0.88
C VAL A 179 -16.32 4.80 1.36
N ILE A 180 -16.08 4.05 2.44
CA ILE A 180 -14.70 3.84 2.93
C ILE A 180 -14.15 2.57 2.31
N GLY A 181 -12.89 2.63 1.89
CA GLY A 181 -12.19 1.45 1.41
C GLY A 181 -11.18 1.04 2.47
N LEU A 182 -11.19 -0.23 2.86
CA LEU A 182 -10.34 -0.69 3.96
C LEU A 182 -9.09 -1.29 3.40
N GLY A 183 -7.94 -0.78 3.82
CA GLY A 183 -6.66 -1.34 3.33
C GLY A 183 -5.93 -2.03 4.44
N MET A 184 -4.67 -2.39 4.19
CA MET A 184 -3.90 -2.99 5.26
C MET A 184 -2.94 -1.94 5.80
N GLY A 185 -3.27 -1.41 6.97
CA GLY A 185 -2.48 -0.33 7.56
C GLY A 185 -2.68 0.99 6.81
N GLU A 186 -3.72 1.06 6.00
CA GLU A 186 -4.12 2.31 5.33
C GLU A 186 -5.61 2.22 5.07
N ASN A 187 -6.25 3.38 4.92
CA ASN A 187 -7.67 3.44 4.65
C ASN A 187 -7.95 4.51 3.60
N PHE A 188 -9.11 4.42 2.95
CA PHE A 188 -9.37 5.31 1.82
C PHE A 188 -10.84 5.72 1.92
N ILE A 189 -11.18 6.76 1.19
CA ILE A 189 -12.58 7.16 1.14
C ILE A 189 -12.85 7.67 -0.27
N ALA A 190 -14.08 7.46 -0.77
CA ALA A 190 -14.38 8.08 -2.09
C ALA A 190 -15.88 8.23 -2.18
N SER A 191 -16.30 9.02 -3.17
CA SER A 191 -17.73 9.17 -3.41
C SER A 191 -18.27 8.01 -4.29
N ASP A 192 -17.38 7.16 -4.80
CA ASP A 192 -17.79 6.11 -5.74
C ASP A 192 -16.78 4.98 -5.60
N GLN A 193 -17.23 3.76 -5.32
CA GLN A 193 -16.27 2.70 -5.04
C GLN A 193 -15.37 2.45 -6.23
N LEU A 194 -15.77 2.89 -7.42
CA LEU A 194 -14.95 2.63 -8.61
C LEU A 194 -13.56 3.26 -8.45
N ALA A 195 -13.51 4.38 -7.73
CA ALA A 195 -12.23 5.08 -7.56
C ALA A 195 -11.22 4.24 -6.78
N LEU A 196 -11.70 3.30 -5.96
CA LEU A 196 -10.84 2.67 -4.97
C LEU A 196 -10.41 1.23 -5.36
N LEU A 197 -11.02 0.70 -6.42
CA LEU A 197 -10.74 -0.71 -6.78
C LEU A 197 -9.27 -1.06 -6.97
N PRO A 198 -8.43 -0.16 -7.48
CA PRO A 198 -6.98 -0.48 -7.63
C PRO A 198 -6.29 -0.84 -6.32
N VAL A 199 -6.85 -0.39 -5.19
CA VAL A 199 -6.12 -0.52 -3.92
C VAL A 199 -6.87 -1.37 -2.89
N THR A 200 -8.18 -1.52 -3.04
CA THR A 200 -8.88 -2.40 -2.13
C THR A 200 -10.21 -2.84 -2.73
N ARG A 201 -10.69 -3.96 -2.22
CA ARG A 201 -12.01 -4.45 -2.59
C ARG A 201 -12.96 -4.56 -1.41
N ARG A 202 -12.57 -4.01 -0.25
CA ARG A 202 -13.44 -4.17 0.92
C ARG A 202 -13.92 -2.78 1.33
N PHE A 203 -15.21 -2.64 1.49
CA PHE A 203 -15.83 -1.31 1.60
C PHE A 203 -16.77 -1.25 2.78
N ILE A 204 -16.90 -0.05 3.32
CA ILE A 204 -17.99 0.25 4.23
C ILE A 204 -18.72 1.42 3.65
N PHE A 205 -20.01 1.27 3.40
CA PHE A 205 -20.79 2.39 2.94
C PHE A 205 -21.18 3.25 4.14
N LEU A 206 -20.96 4.57 4.03
CA LEU A 206 -21.46 5.43 5.13
C LEU A 206 -22.99 5.53 4.87
N GLU A 207 -23.75 5.58 5.94
CA GLU A 207 -25.22 5.76 5.82
C GLU A 207 -25.52 7.24 6.02
N GLU A 208 -26.75 7.63 5.67
CA GLU A 208 -27.09 9.02 5.82
C GLU A 208 -26.93 9.51 7.26
N GLY A 209 -26.23 10.64 7.44
CA GLY A 209 -26.05 11.25 8.75
C GLY A 209 -24.79 10.75 9.46
N ASP A 210 -24.08 9.81 8.86
CA ASP A 210 -22.86 9.24 9.49
C ASP A 210 -21.72 10.24 9.41
N ILE A 211 -20.89 10.25 10.45
CA ILE A 211 -19.70 11.10 10.48
C ILE A 211 -18.60 10.10 10.82
N ALA A 212 -17.60 9.97 9.95
CA ALA A 212 -16.54 8.98 10.19
C ALA A 212 -15.23 9.58 10.44
N GLU A 213 -14.54 9.04 11.43
CA GLU A 213 -13.16 9.43 11.69
C GLU A 213 -12.30 8.25 11.25
N ILE A 214 -11.40 8.53 10.31
CA ILE A 214 -10.65 7.51 9.63
C ILE A 214 -9.19 7.74 9.95
N THR A 215 -8.52 6.70 10.43
CA THR A 215 -7.07 6.76 10.53
C THR A 215 -6.47 5.67 9.72
N ARG A 216 -5.13 5.58 9.69
CA ARG A 216 -4.48 4.47 8.96
C ARG A 216 -4.93 3.15 9.50
N ARG A 217 -5.30 3.10 10.79
CA ARG A 217 -5.53 1.81 11.46
C ARG A 217 -6.97 1.55 11.88
N SER A 218 -7.82 2.56 11.86
CA SER A 218 -9.17 2.35 12.41
C SER A 218 -10.17 3.23 11.69
N VAL A 219 -11.44 2.81 11.73
CA VAL A 219 -12.52 3.60 11.16
C VAL A 219 -13.55 3.66 12.26
N ASN A 220 -13.87 4.86 12.76
CA ASN A 220 -14.87 4.99 13.82
C ASN A 220 -15.98 5.86 13.29
N ILE A 221 -17.22 5.35 13.37
CA ILE A 221 -18.34 6.07 12.74
C ILE A 221 -19.32 6.44 13.81
N PHE A 222 -19.85 7.66 13.70
CA PHE A 222 -20.73 8.22 14.69
C PHE A 222 -21.94 8.82 14.01
N ASP A 223 -23.01 9.00 14.76
CA ASP A 223 -24.08 9.91 14.33
C ASP A 223 -23.91 11.32 14.85
N LYS A 224 -24.87 12.18 14.55
CA LYS A 224 -24.74 13.60 14.95
C LYS A 224 -24.88 13.86 16.46
N THR A 225 -25.31 12.87 17.24
CA THR A 225 -25.38 13.08 18.66
C THR A 225 -24.10 12.55 19.27
N GLY A 226 -23.22 12.07 18.39
CA GLY A 226 -21.92 11.59 18.79
C GLY A 226 -21.89 10.14 19.23
N ALA A 227 -22.99 9.42 19.01
CA ALA A 227 -23.07 8.02 19.32
C ALA A 227 -22.30 7.20 18.32
N GLU A 228 -21.60 6.17 18.78
CA GLU A 228 -20.84 5.29 17.89
C GLU A 228 -21.85 4.36 17.26
N VAL A 229 -21.70 4.15 15.96
CA VAL A 229 -22.56 3.22 15.20
C VAL A 229 -21.64 2.19 14.55
N LYS A 230 -22.16 1.00 14.31
CA LYS A 230 -21.38 -0.07 13.69
C LYS A 230 -21.90 -0.26 12.28
N ARG A 231 -20.99 -0.30 11.31
CA ARG A 231 -21.40 -0.44 9.92
C ARG A 231 -20.68 -1.67 9.43
N GLN A 232 -21.29 -2.41 8.52
CA GLN A 232 -20.74 -3.67 8.07
C GLN A 232 -19.82 -3.44 6.87
N ASP A 233 -18.71 -4.15 6.84
CA ASP A 233 -17.84 -4.05 5.68
C ASP A 233 -18.22 -5.14 4.69
N ILE A 234 -18.15 -4.82 3.40
CA ILE A 234 -18.56 -5.80 2.37
C ILE A 234 -17.43 -5.91 1.34
N GLU A 235 -17.32 -7.05 0.67
CA GLU A 235 -16.29 -7.20 -0.33
C GLU A 235 -16.97 -7.05 -1.69
N SER A 236 -16.41 -6.21 -2.57
CA SER A 236 -17.13 -5.92 -3.80
C SER A 236 -16.21 -5.76 -4.98
N ASN A 237 -15.99 -6.85 -5.70
CA ASN A 237 -15.22 -6.86 -6.94
C ASN A 237 -16.11 -6.54 -8.13
N LEU A 238 -15.88 -5.40 -8.76
CA LEU A 238 -16.66 -5.00 -9.94
C LEU A 238 -15.83 -5.14 -11.21
N CYS B 1 8.10 -23.96 1.57
CA CYS B 1 6.78 -24.34 1.03
C CYS B 1 5.82 -23.17 0.69
N GLY B 2 5.77 -22.11 1.50
CA GLY B 2 5.04 -20.88 1.05
C GLY B 2 6.07 -19.73 0.94
N ILE B 3 6.02 -18.94 -0.13
CA ILE B 3 6.87 -17.72 -0.24
C ILE B 3 5.99 -16.52 -0.40
N VAL B 4 6.34 -15.42 0.26
CA VAL B 4 5.71 -14.14 -0.06
C VAL B 4 6.83 -13.10 -0.03
N GLY B 5 6.75 -12.11 -0.92
CA GLY B 5 7.77 -11.04 -0.92
C GLY B 5 7.08 -9.75 -1.32
N ALA B 6 7.73 -8.63 -1.02
CA ALA B 6 7.06 -7.37 -1.32
C ALA B 6 8.14 -6.35 -1.52
N ILE B 7 7.88 -5.41 -2.40
CA ILE B 7 8.76 -4.26 -2.49
C ILE B 7 7.91 -3.02 -2.64
N ALA B 8 7.98 -2.16 -1.62
CA ALA B 8 6.95 -1.13 -1.49
C ALA B 8 7.61 0.08 -0.89
N GLN B 9 6.85 1.17 -0.86
CA GLN B 9 7.29 2.31 -0.06
C GLN B 9 6.91 2.12 1.44
N ARG B 10 5.72 1.58 1.71
CA ARG B 10 5.26 1.34 3.05
C ARG B 10 5.92 0.15 3.69
N ASP B 11 5.83 0.06 5.01
CA ASP B 11 6.37 -1.11 5.72
C ASP B 11 5.62 -2.35 5.26
N VAL B 12 6.36 -3.42 4.96
CA VAL B 12 5.68 -4.61 4.41
C VAL B 12 5.54 -5.79 5.36
N ALA B 13 6.09 -5.69 6.56
CA ALA B 13 6.06 -6.84 7.46
C ALA B 13 4.64 -7.37 7.68
N GLU B 14 3.66 -6.48 7.89
CA GLU B 14 2.35 -7.00 8.15
C GLU B 14 1.72 -7.68 6.93
N ILE B 15 2.02 -7.18 5.75
CA ILE B 15 1.55 -7.82 4.52
C ILE B 15 2.19 -9.21 4.37
N LEU B 16 3.48 -9.29 4.68
CA LEU B 16 4.17 -10.59 4.59
C LEU B 16 3.57 -11.60 5.59
N LEU B 17 3.29 -11.15 6.80
CA LEU B 17 2.76 -12.08 7.81
C LEU B 17 1.37 -12.52 7.41
N GLU B 18 0.62 -11.61 6.83
CA GLU B 18 -0.74 -12.00 6.41
C GLU B 18 -0.67 -12.96 5.24
N GLY B 19 0.27 -12.73 4.33
CA GLY B 19 0.47 -13.70 3.28
C GLY B 19 0.83 -15.05 3.85
N LEU B 20 1.71 -15.10 4.86
CA LEU B 20 2.11 -16.42 5.37
C LEU B 20 0.90 -17.10 5.99
N ARG B 21 0.05 -16.31 6.62
CA ARG B 21 -1.16 -16.90 7.27
C ARG B 21 -1.99 -17.64 6.22
N ARG B 22 -1.96 -17.14 4.99
CA ARG B 22 -2.67 -17.74 3.88
C ARG B 22 -1.93 -18.91 3.23
N LEU B 23 -0.71 -19.19 3.66
CA LEU B 23 0.12 -20.27 3.07
C LEU B 23 0.52 -21.35 4.08
C LEU B 23 0.28 -21.39 4.09
N GLU B 24 -0.37 -21.71 4.99
N GLU B 24 -0.46 -21.26 5.19
CA GLU B 24 0.03 -22.60 6.09
CA GLU B 24 -0.36 -22.26 6.28
C GLU B 24 -0.21 -24.06 5.77
C GLU B 24 -1.11 -23.53 5.94
N TYR B 25 0.59 -24.62 4.87
N TYR B 25 -2.35 -23.37 5.48
CA TYR B 25 0.41 -25.98 4.37
CA TYR B 25 -3.18 -24.54 5.18
C TYR B 25 0.48 -27.02 5.48
C TYR B 25 -2.35 -25.63 4.52
N ARG B 26 -0.34 -28.05 5.39
N ARG B 26 -1.30 -25.20 3.81
CA ARG B 26 -0.39 -29.09 6.41
CA ARG B 26 -0.45 -26.13 3.06
C ARG B 26 0.96 -29.71 6.59
C ARG B 26 0.47 -26.99 3.94
N GLY B 27 1.54 -29.57 7.78
N GLY B 27 0.76 -26.54 5.15
CA GLY B 27 2.84 -30.16 8.05
CA GLY B 27 1.57 -27.35 6.07
C GLY B 27 4.03 -29.22 8.00
C GLY B 27 3.00 -26.86 6.21
N TYR B 28 3.82 -27.98 7.59
N TYR B 28 3.48 -26.72 7.44
CA TYR B 28 4.95 -27.05 7.58
CA TYR B 28 4.83 -26.21 7.66
C TYR B 28 5.44 -26.93 9.02
C TYR B 28 5.37 -26.47 9.08
N ASP B 29 6.69 -26.57 9.20
CA ASP B 29 7.34 -26.68 10.51
C ASP B 29 7.94 -25.39 11.04
N SER B 30 8.19 -24.41 10.18
CA SER B 30 8.80 -23.19 10.68
C SER B 30 8.47 -22.08 9.70
N ALA B 31 8.82 -20.88 10.11
CA ALA B 31 8.55 -19.73 9.27
C ALA B 31 9.51 -18.62 9.61
N GLY B 32 9.71 -17.69 8.69
CA GLY B 32 10.63 -16.59 8.95
C GLY B 32 10.37 -15.45 7.96
N LEU B 33 10.93 -14.32 8.27
CA LEU B 33 10.86 -13.18 7.33
C LEU B 33 12.08 -12.29 7.56
N ALA B 34 12.38 -11.48 6.55
CA ALA B 34 13.48 -10.53 6.62
C ALA B 34 12.95 -9.32 5.90
N VAL B 35 13.18 -8.15 6.47
CA VAL B 35 12.76 -6.92 5.81
C VAL B 35 13.99 -6.03 5.81
N VAL B 36 14.07 -5.14 4.82
CA VAL B 36 15.23 -4.22 4.77
C VAL B 36 14.70 -2.83 4.56
N ASP B 37 15.23 -1.86 5.28
CA ASP B 37 14.74 -0.51 5.05
C ASP B 37 15.56 0.18 3.98
N ALA B 38 15.23 1.46 3.69
CA ALA B 38 15.86 2.17 2.58
C ALA B 38 17.35 2.36 2.77
N GLU B 39 17.82 2.28 4.01
CA GLU B 39 19.24 2.47 4.29
C GLU B 39 20.00 1.16 4.38
N GLY B 40 19.35 0.06 4.02
CA GLY B 40 20.03 -1.22 3.98
C GLY B 40 20.14 -1.94 5.31
N HIS B 41 19.36 -1.52 6.29
CA HIS B 41 19.30 -2.19 7.54
C HIS B 41 18.32 -3.34 7.45
N MET B 42 18.82 -4.55 7.68
CA MET B 42 18.03 -5.79 7.58
C MET B 42 17.68 -6.31 8.94
N THR B 43 16.42 -6.68 9.11
CA THR B 43 15.97 -7.38 10.31
C THR B 43 15.41 -8.72 9.87
N ARG B 44 15.92 -9.81 10.42
CA ARG B 44 15.44 -11.15 10.09
C ARG B 44 14.92 -11.80 11.34
N LEU B 45 13.77 -12.42 11.25
CA LEU B 45 13.20 -13.10 12.39
C LEU B 45 12.75 -14.44 11.92
N ARG B 46 13.14 -15.52 12.62
CA ARG B 46 12.69 -16.85 12.26
C ARG B 46 12.26 -17.62 13.51
N ARG B 47 11.35 -18.56 13.34
CA ARG B 47 10.89 -19.38 14.46
C ARG B 47 10.66 -20.79 13.99
N LEU B 48 11.11 -21.75 14.79
CA LEU B 48 10.61 -23.07 14.69
C LEU B 48 9.21 -23.00 15.26
N GLY B 49 8.21 -23.46 14.49
CA GLY B 49 6.87 -23.34 15.01
C GLY B 49 5.94 -22.70 14.00
N LYS B 50 4.83 -22.15 14.48
CA LYS B 50 3.73 -21.67 13.62
C LYS B 50 3.89 -20.19 13.29
N VAL B 51 3.24 -19.74 12.22
CA VAL B 51 3.26 -18.35 11.84
C VAL B 51 2.79 -17.50 13.01
N GLN B 52 1.83 -18.00 13.78
CA GLN B 52 1.39 -17.15 14.89
C GLN B 52 2.50 -16.82 15.89
N MET B 53 3.42 -17.76 16.10
CA MET B 53 4.60 -17.51 16.95
C MET B 53 5.52 -16.46 16.35
N LEU B 54 5.69 -16.52 15.04
CA LEU B 54 6.50 -15.55 14.38
C LEU B 54 5.80 -14.20 14.48
N ALA B 55 4.48 -14.18 14.29
CA ALA B 55 3.73 -12.91 14.34
C ALA B 55 3.82 -12.27 15.73
N GLN B 56 3.78 -13.10 16.76
CA GLN B 56 3.92 -12.60 18.14
C GLN B 56 5.31 -12.04 18.40
N ALA B 57 6.32 -12.69 17.84
CA ALA B 57 7.68 -12.18 17.99
C ALA B 57 7.86 -10.86 17.25
N ALA B 58 7.22 -10.74 16.09
CA ALA B 58 7.31 -9.53 15.29
C ALA B 58 6.62 -8.37 15.99
N GLU B 59 5.63 -8.67 16.83
CA GLU B 59 4.93 -7.61 17.56
C GLU B 59 5.85 -6.95 18.57
N GLU B 60 6.79 -7.71 19.10
CA GLU B 60 7.68 -7.18 20.12
C GLU B 60 8.74 -6.32 19.49
N HIS B 61 9.32 -6.79 18.38
CA HIS B 61 10.39 -6.06 17.71
C HIS B 61 9.89 -5.58 16.36
N PRO B 62 9.13 -4.50 16.33
CA PRO B 62 8.54 -4.02 15.08
C PRO B 62 9.58 -3.83 13.96
N LEU B 63 9.29 -4.39 12.81
CA LEU B 63 10.23 -4.47 11.72
C LEU B 63 9.92 -3.39 10.69
N HIS B 64 10.81 -2.45 10.51
CA HIS B 64 10.49 -1.44 9.53
C HIS B 64 11.23 -1.69 8.25
N GLY B 65 10.59 -1.35 7.15
CA GLY B 65 11.29 -1.51 5.88
C GLY B 65 10.28 -1.88 4.78
N GLY B 66 10.53 -1.41 3.57
CA GLY B 66 9.59 -1.57 2.46
C GLY B 66 9.95 -2.73 1.54
N THR B 67 11.04 -3.44 1.85
CA THR B 67 11.44 -4.57 0.99
C THR B 67 11.56 -5.80 1.86
N GLY B 68 10.90 -6.90 1.51
CA GLY B 68 11.05 -8.05 2.40
C GLY B 68 10.60 -9.34 1.76
N ILE B 69 10.99 -10.45 2.37
CA ILE B 69 10.61 -11.76 1.86
C ILE B 69 10.30 -12.63 3.07
N ALA B 70 9.42 -13.61 2.90
CA ALA B 70 9.01 -14.40 4.08
C ALA B 70 8.73 -15.80 3.55
N HIS B 71 8.64 -16.76 4.45
CA HIS B 71 8.60 -18.16 4.03
C HIS B 71 8.02 -19.00 5.14
N THR B 72 7.24 -20.00 4.73
CA THR B 72 6.94 -21.12 5.61
C THR B 72 7.66 -22.31 5.02
N ARG B 73 8.28 -23.08 5.92
CA ARG B 73 9.16 -24.16 5.49
C ARG B 73 8.49 -25.52 5.74
N TRP B 74 8.67 -26.45 4.79
CA TRP B 74 8.34 -27.83 5.04
C TRP B 74 9.66 -28.61 4.78
N ALA B 75 10.37 -28.93 5.85
CA ALA B 75 11.79 -29.32 5.75
C ALA B 75 11.96 -30.53 4.87
N THR B 76 12.96 -30.46 3.98
CA THR B 76 13.47 -31.62 3.25
C THR B 76 14.95 -31.87 3.57
N HIS B 77 15.75 -30.80 3.73
CA HIS B 77 17.15 -30.94 3.99
C HIS B 77 17.51 -30.23 5.26
N GLY B 78 17.81 -30.98 6.33
CA GLY B 78 18.07 -30.36 7.61
C GLY B 78 16.82 -30.44 8.47
N GLU B 79 16.99 -30.78 9.75
CA GLU B 79 15.82 -30.95 10.59
C GLU B 79 15.16 -29.58 10.82
N PRO B 80 13.88 -29.56 11.16
CA PRO B 80 13.27 -28.31 11.63
C PRO B 80 14.00 -27.71 12.81
N SER B 81 14.41 -26.47 12.64
CA SER B 81 15.10 -25.76 13.69
C SER B 81 15.12 -24.33 13.24
N GLU B 82 15.39 -23.40 14.16
CA GLU B 82 15.44 -22.03 13.73
C GLU B 82 16.63 -21.81 12.82
N VAL B 83 17.73 -22.51 13.08
CA VAL B 83 18.92 -22.34 12.25
C VAL B 83 18.64 -22.65 10.79
N ASN B 84 17.81 -23.65 10.55
CA ASN B 84 17.54 -24.12 9.19
C ASN B 84 16.35 -23.42 8.53
N ALA B 85 15.62 -22.64 9.31
CA ALA B 85 14.44 -21.93 8.75
C ALA B 85 14.93 -20.84 7.78
N HIS B 86 14.07 -20.43 6.85
CA HIS B 86 14.41 -19.39 5.88
C HIS B 86 14.00 -18.08 6.57
N PRO B 87 14.22 -16.93 5.95
CA PRO B 87 15.36 -16.66 5.04
C PRO B 87 16.74 -17.09 5.46
N HIS B 88 17.48 -17.58 4.48
CA HIS B 88 18.91 -17.82 4.69
C HIS B 88 19.74 -16.67 4.16
N VAL B 89 20.95 -16.47 4.73
CA VAL B 89 21.69 -15.28 4.39
C VAL B 89 23.11 -15.59 3.95
N SER B 90 23.68 -14.69 3.15
CA SER B 90 25.12 -14.78 2.89
C SER B 90 25.58 -13.35 2.86
N GLU B 91 25.94 -12.87 4.05
CA GLU B 91 26.20 -11.46 4.31
C GLU B 91 24.97 -10.65 3.90
N HIS B 92 25.06 -9.95 2.78
CA HIS B 92 23.96 -9.10 2.36
C HIS B 92 22.89 -9.82 1.50
N ILE B 93 23.18 -11.02 1.07
CA ILE B 93 22.26 -11.78 0.19
C ILE B 93 21.28 -12.54 1.05
N VAL B 94 19.97 -12.43 0.77
CA VAL B 94 18.98 -13.09 1.64
C VAL B 94 18.05 -13.83 0.68
N VAL B 95 17.75 -15.07 1.02
CA VAL B 95 17.00 -15.95 0.11
C VAL B 95 15.89 -16.65 0.80
N VAL B 96 14.76 -16.87 0.09
CA VAL B 96 13.78 -17.83 0.56
C VAL B 96 13.61 -18.80 -0.59
N HIS B 97 13.24 -20.02 -0.28
CA HIS B 97 13.28 -21.01 -1.36
C HIS B 97 12.24 -22.10 -1.14
N ASN B 98 11.50 -22.43 -2.21
CA ASN B 98 10.62 -23.60 -2.15
C ASN B 98 11.20 -24.67 -3.04
N GLY B 99 11.15 -25.91 -2.57
CA GLY B 99 11.63 -27.06 -3.39
C GLY B 99 13.01 -27.52 -2.95
N ILE B 100 13.77 -28.06 -3.89
CA ILE B 100 15.00 -28.73 -3.55
C ILE B 100 16.10 -28.44 -4.55
N ILE B 101 17.30 -28.17 -4.05
CA ILE B 101 18.45 -27.99 -4.93
C ILE B 101 19.15 -29.36 -4.96
N GLU B 102 18.92 -30.14 -6.02
CA GLU B 102 19.45 -31.53 -6.10
C GLU B 102 20.97 -31.63 -5.96
N ASN B 103 21.69 -30.68 -6.58
CA ASN B 103 23.14 -30.70 -6.55
C ASN B 103 23.73 -29.90 -5.47
N HIS B 104 23.08 -29.86 -4.31
CA HIS B 104 23.59 -29.01 -3.23
C HIS B 104 24.97 -29.42 -2.69
N GLU B 105 25.28 -30.72 -2.73
CA GLU B 105 26.58 -31.21 -2.19
C GLU B 105 27.86 -30.65 -2.82
N PRO B 106 28.03 -30.88 -4.13
CA PRO B 106 29.18 -30.32 -4.88
C PRO B 106 29.24 -28.83 -4.76
N LEU B 107 28.07 -28.19 -4.88
CA LEU B 107 28.00 -26.73 -4.76
C LEU B 107 28.48 -26.27 -3.39
N ARG B 108 28.02 -26.97 -2.36
CA ARG B 108 28.38 -26.64 -0.99
C ARG B 108 29.93 -26.75 -0.81
N GLU B 109 30.47 -27.85 -1.31
CA GLU B 109 31.95 -28.01 -1.36
C GLU B 109 32.72 -26.89 -2.07
N GLU B 110 32.21 -26.46 -3.23
CA GLU B 110 32.87 -25.39 -3.98
C GLU B 110 32.88 -24.14 -3.17
N LEU B 111 31.73 -23.85 -2.55
CA LEU B 111 31.63 -22.57 -1.89
C LEU B 111 32.50 -22.63 -0.66
N LYS B 112 32.53 -23.79 -0.02
CA LYS B 112 33.39 -23.95 1.17
C LYS B 112 34.85 -23.64 0.83
N ALA B 113 35.31 -24.10 -0.31
CA ALA B 113 36.67 -23.76 -0.81
C ALA B 113 36.84 -22.27 -1.13
N ARG B 114 35.74 -21.57 -1.46
CA ARG B 114 35.84 -20.16 -1.78
C ARG B 114 35.85 -19.36 -0.48
N GLY B 115 35.69 -20.07 0.62
CA GLY B 115 35.84 -19.47 1.94
C GLY B 115 34.53 -19.23 2.66
N TYR B 116 33.46 -19.83 2.16
CA TYR B 116 32.12 -19.61 2.74
C TYR B 116 31.84 -20.58 3.86
N THR B 117 31.35 -20.06 4.99
CA THR B 117 30.96 -20.93 6.09
C THR B 117 29.48 -21.26 5.97
N PHE B 118 29.16 -22.54 5.92
CA PHE B 118 27.78 -22.92 6.02
C PHE B 118 27.33 -23.08 7.47
N VAL B 119 26.26 -22.39 7.85
CA VAL B 119 25.76 -22.45 9.23
C VAL B 119 24.56 -23.39 9.32
N SER B 120 23.90 -23.66 8.20
CA SER B 120 22.74 -24.54 8.23
C SER B 120 23.01 -25.88 7.54
N GLU B 121 22.09 -26.82 7.70
CA GLU B 121 22.12 -28.09 6.98
C GLU B 121 21.28 -28.06 5.72
N THR B 122 20.81 -26.88 5.28
CA THR B 122 19.83 -26.88 4.21
C THR B 122 20.51 -26.87 2.83
N ASP B 123 19.81 -27.37 1.83
CA ASP B 123 20.21 -27.12 0.44
C ASP B 123 20.05 -25.65 0.08
N THR B 124 19.02 -25.01 0.65
CA THR B 124 18.82 -23.57 0.44
C THR B 124 20.02 -22.65 0.60
N GLU B 125 20.83 -22.92 1.62
CA GLU B 125 21.88 -22.01 1.98
C GLU B 125 22.90 -21.89 0.84
N VAL B 126 22.98 -22.92 0.02
CA VAL B 126 23.89 -22.86 -1.13
C VAL B 126 23.47 -21.78 -2.12
N ILE B 127 22.17 -21.58 -2.27
CA ILE B 127 21.71 -20.45 -3.11
C ILE B 127 22.23 -19.12 -2.66
N ALA B 128 22.17 -18.84 -1.35
CA ALA B 128 22.64 -17.57 -0.82
C ALA B 128 24.12 -17.39 -1.11
N HIS B 129 24.93 -18.39 -0.77
CA HIS B 129 26.39 -18.17 -0.86
C HIS B 129 26.82 -18.10 -2.33
N LEU B 130 26.14 -18.87 -3.13
CA LEU B 130 26.40 -18.81 -4.58
C LEU B 130 26.08 -17.47 -5.24
N VAL B 131 24.94 -16.88 -4.92
CA VAL B 131 24.67 -15.58 -5.46
C VAL B 131 25.64 -14.57 -4.88
N ASN B 132 26.06 -14.74 -3.62
CA ASN B 132 27.02 -13.83 -3.01
C ASN B 132 28.30 -13.92 -3.90
N TRP B 133 28.65 -15.15 -4.24
CA TRP B 133 29.88 -15.46 -4.99
C TRP B 133 29.85 -14.78 -6.36
N GLU B 134 28.77 -15.02 -7.08
CA GLU B 134 28.59 -14.41 -8.42
C GLU B 134 28.58 -12.90 -8.39
N LEU B 135 27.93 -12.31 -7.39
CA LEU B 135 27.88 -10.90 -7.30
C LEU B 135 29.31 -10.34 -7.13
N LYS B 136 30.13 -11.05 -6.35
CA LYS B 136 31.53 -10.68 -6.15
C LYS B 136 32.29 -10.65 -7.45
N GLN B 137 31.86 -11.45 -8.43
CA GLN B 137 32.49 -11.46 -9.76
C GLN B 137 32.09 -10.27 -10.59
N GLY B 138 31.26 -9.40 -10.02
CA GLY B 138 30.85 -8.16 -10.69
C GLY B 138 29.44 -8.17 -11.28
N GLY B 139 28.88 -6.99 -11.52
CA GLY B 139 27.55 -6.89 -12.17
C GLY B 139 26.38 -6.63 -11.22
N THR B 140 25.15 -6.57 -11.75
CA THR B 140 24.00 -6.29 -10.92
C THR B 140 23.49 -7.59 -10.32
N LEU B 141 22.54 -7.50 -9.38
CA LEU B 141 21.94 -8.73 -8.81
C LEU B 141 21.30 -9.55 -9.89
N ARG B 142 20.59 -8.89 -10.80
CA ARG B 142 20.00 -9.63 -11.92
C ARG B 142 21.03 -10.47 -12.69
N GLU B 143 22.19 -9.85 -13.01
CA GLU B 143 23.26 -10.51 -13.74
C GLU B 143 23.80 -11.68 -12.93
N ALA B 144 24.06 -11.46 -11.65
CA ALA B 144 24.56 -12.53 -10.78
C ALA B 144 23.57 -13.69 -10.71
N VAL B 145 22.29 -13.38 -10.57
CA VAL B 145 21.28 -14.45 -10.54
C VAL B 145 21.14 -15.19 -11.88
N LEU B 146 21.29 -14.47 -13.00
CA LEU B 146 21.35 -15.16 -14.29
C LEU B 146 22.51 -16.15 -14.40
N ARG B 147 23.64 -15.81 -13.77
CA ARG B 147 24.79 -16.74 -13.74
C ARG B 147 24.59 -17.88 -12.76
N ALA B 148 23.94 -17.58 -11.64
CA ALA B 148 23.68 -18.58 -10.61
C ALA B 148 22.68 -19.67 -11.01
N ILE B 149 21.56 -19.26 -11.59
CA ILE B 149 20.46 -20.20 -11.75
C ILE B 149 20.84 -21.44 -12.56
N PRO B 150 21.57 -21.28 -13.67
CA PRO B 150 21.97 -22.43 -14.46
C PRO B 150 22.81 -23.43 -13.66
N GLN B 151 23.51 -22.96 -12.63
CA GLN B 151 24.36 -23.86 -11.84
C GLN B 151 23.52 -24.68 -10.88
N LEU B 152 22.24 -24.31 -10.67
CA LEU B 152 21.40 -25.04 -9.72
C LEU B 152 20.54 -26.06 -10.44
N ARG B 153 20.45 -27.25 -9.90
CA ARG B 153 19.54 -28.24 -10.48
C ARG B 153 18.52 -28.61 -9.45
N GLY B 154 17.31 -28.91 -9.90
CA GLY B 154 16.25 -29.34 -9.00
C GLY B 154 14.92 -28.70 -9.38
N ALA B 155 13.92 -28.83 -8.52
CA ALA B 155 12.60 -28.30 -8.81
C ALA B 155 12.36 -27.28 -7.72
N TYR B 156 12.48 -25.99 -8.07
CA TYR B 156 12.52 -24.93 -7.01
C TYR B 156 11.96 -23.58 -7.52
N GLY B 157 11.62 -22.73 -6.56
CA GLY B 157 11.22 -21.31 -6.80
C GLY B 157 12.04 -20.59 -5.74
N THR B 158 12.57 -19.41 -6.07
CA THR B 158 13.35 -18.71 -5.05
C THR B 158 13.18 -17.21 -5.25
N VAL B 159 13.26 -16.48 -4.14
CA VAL B 159 13.25 -15.01 -4.24
C VAL B 159 14.49 -14.57 -3.48
N ILE B 160 15.22 -13.66 -4.08
CA ILE B 160 16.52 -13.28 -3.55
C ILE B 160 16.57 -11.77 -3.37
N MET B 161 17.20 -11.28 -2.31
CA MET B 161 17.39 -9.85 -2.25
C MET B 161 18.79 -9.54 -1.72
N ASP B 162 19.24 -8.32 -1.99
CA ASP B 162 20.56 -7.85 -1.52
C ASP B 162 20.24 -6.65 -0.65
N SER B 163 20.55 -6.77 0.64
CA SER B 163 20.13 -5.78 1.60
C SER B 163 20.82 -4.45 1.32
N ARG B 164 21.94 -4.50 0.60
CA ARG B 164 22.63 -3.28 0.23
C ARG B 164 21.90 -2.54 -0.85
N HIS B 165 21.09 -3.24 -1.64
CA HIS B 165 20.35 -2.59 -2.71
C HIS B 165 18.90 -3.05 -2.61
N PRO B 166 18.18 -2.49 -1.64
CA PRO B 166 16.83 -2.94 -1.32
C PRO B 166 15.77 -2.49 -2.34
N ASP B 167 16.19 -1.97 -3.50
CA ASP B 167 15.22 -1.46 -4.47
C ASP B 167 14.85 -2.51 -5.51
N THR B 168 15.39 -3.71 -5.39
CA THR B 168 15.11 -4.77 -6.36
C THR B 168 14.97 -6.12 -5.68
N LEU B 169 14.05 -6.96 -6.17
CA LEU B 169 14.01 -8.35 -5.75
C LEU B 169 14.21 -9.14 -7.03
N LEU B 170 14.90 -10.27 -6.91
CA LEU B 170 15.05 -11.19 -8.03
C LEU B 170 14.31 -12.45 -7.69
N ALA B 171 13.64 -13.05 -8.70
CA ALA B 171 12.88 -14.29 -8.42
C ALA B 171 13.07 -15.24 -9.59
N ALA B 172 13.11 -16.54 -9.31
CA ALA B 172 13.29 -17.49 -10.40
C ALA B 172 12.35 -18.65 -10.17
N ARG B 173 11.67 -19.05 -11.23
CA ARG B 173 10.72 -20.16 -11.17
C ARG B 173 11.33 -21.29 -11.96
N SER B 174 11.57 -22.42 -11.30
CA SER B 174 12.29 -23.48 -11.98
C SER B 174 11.82 -24.81 -11.40
N GLY B 175 10.53 -25.06 -11.52
CA GLY B 175 9.88 -26.27 -11.08
C GLY B 175 8.95 -26.08 -9.90
N SER B 176 8.76 -24.83 -9.46
CA SER B 176 7.84 -24.55 -8.35
C SER B 176 7.22 -23.19 -8.66
N PRO B 177 5.94 -23.00 -8.38
CA PRO B 177 5.22 -21.81 -8.87
C PRO B 177 5.62 -20.51 -8.16
N LEU B 178 5.52 -19.43 -8.92
CA LEU B 178 5.62 -18.07 -8.38
C LEU B 178 4.74 -17.20 -9.21
N VAL B 179 4.14 -16.21 -8.57
CA VAL B 179 3.27 -15.29 -9.26
C VAL B 179 3.58 -13.90 -8.71
N ILE B 180 3.56 -12.92 -9.61
CA ILE B 180 3.81 -11.49 -9.22
C ILE B 180 2.47 -10.83 -9.08
N GLY B 181 2.32 -10.04 -8.01
CA GLY B 181 1.12 -9.24 -7.78
C GLY B 181 1.47 -7.79 -8.05
N LEU B 182 0.70 -7.13 -8.89
CA LEU B 182 1.02 -5.75 -9.29
C LEU B 182 0.28 -4.77 -8.41
N GLY B 183 0.99 -3.88 -7.76
CA GLY B 183 0.33 -2.83 -6.97
C GLY B 183 0.50 -1.46 -7.58
N MET B 184 0.12 -0.44 -6.81
CA MET B 184 0.32 0.92 -7.27
C MET B 184 1.57 1.46 -6.62
N GLY B 185 2.66 1.50 -7.35
CA GLY B 185 3.91 1.99 -6.75
C GLY B 185 4.51 0.98 -5.79
N GLU B 186 4.07 -0.28 -5.89
CA GLU B 186 4.65 -1.36 -5.10
C GLU B 186 4.28 -2.66 -5.83
N ASN B 187 5.08 -3.71 -5.63
CA ASN B 187 4.87 -5.00 -6.32
C ASN B 187 5.09 -6.11 -5.32
N PHE B 188 4.54 -7.29 -5.59
CA PHE B 188 4.60 -8.36 -4.61
C PHE B 188 4.89 -9.65 -5.36
N ILE B 189 5.23 -10.68 -4.63
CA ILE B 189 5.43 -11.98 -5.27
C ILE B 189 5.02 -13.04 -4.25
N ALA B 190 4.47 -14.14 -4.73
CA ALA B 190 4.13 -15.20 -3.78
C ALA B 190 4.16 -16.52 -4.52
N SER B 191 4.16 -17.61 -3.74
CA SER B 191 4.08 -18.89 -4.39
C SER B 191 2.66 -19.28 -4.67
N ASP B 192 1.68 -18.48 -4.24
CA ASP B 192 0.29 -18.78 -4.54
C ASP B 192 -0.45 -17.48 -4.51
N GLN B 193 -1.26 -17.23 -5.55
CA GLN B 193 -1.98 -15.96 -5.65
C GLN B 193 -2.81 -15.70 -4.41
N LEU B 194 -3.21 -16.76 -3.72
CA LEU B 194 -4.09 -16.57 -2.56
C LEU B 194 -3.45 -15.69 -1.50
N ALA B 195 -2.12 -15.72 -1.40
CA ALA B 195 -1.42 -14.92 -0.40
C ALA B 195 -1.53 -13.41 -0.62
N LEU B 196 -1.77 -13.01 -1.86
CA LEU B 196 -1.64 -11.62 -2.23
C LEU B 196 -2.98 -10.86 -2.38
N LEU B 197 -4.07 -11.62 -2.38
CA LEU B 197 -5.39 -10.99 -2.56
C LEU B 197 -5.70 -9.81 -1.62
N PRO B 198 -5.26 -9.79 -0.37
CA PRO B 198 -5.53 -8.59 0.47
C PRO B 198 -4.97 -7.29 -0.09
N VAL B 199 -3.97 -7.36 -0.96
CA VAL B 199 -3.33 -6.11 -1.45
C VAL B 199 -3.41 -5.91 -2.96
N THR B 200 -3.70 -6.96 -3.72
CA THR B 200 -3.90 -6.77 -5.15
C THR B 200 -4.67 -7.92 -5.76
N ARG B 201 -5.33 -7.63 -6.88
CA ARG B 201 -6.01 -8.63 -7.65
C ARG B 201 -5.42 -8.76 -9.06
N ARG B 202 -4.29 -8.12 -9.33
CA ARG B 202 -3.72 -8.17 -10.69
C ARG B 202 -2.41 -8.94 -10.64
N PHE B 203 -2.29 -9.93 -11.47
CA PHE B 203 -1.19 -10.88 -11.33
C PHE B 203 -0.47 -11.11 -12.62
N ILE B 204 0.81 -11.38 -12.52
CA ILE B 204 1.53 -12.00 -13.62
C ILE B 204 2.01 -13.37 -13.18
N PHE B 205 1.57 -14.44 -13.83
CA PHE B 205 2.11 -15.75 -13.48
C PHE B 205 3.43 -15.99 -14.17
N LEU B 206 4.45 -16.35 -13.41
CA LEU B 206 5.74 -16.61 -14.07
C LEU B 206 5.59 -17.99 -14.69
N GLU B 207 6.30 -18.19 -15.80
CA GLU B 207 6.35 -19.51 -16.45
C GLU B 207 7.63 -20.23 -16.11
N GLU B 208 7.68 -21.51 -16.43
CA GLU B 208 8.87 -22.26 -16.11
C GLU B 208 10.11 -21.66 -16.79
N GLY B 209 11.16 -21.43 -15.98
CA GLY B 209 12.43 -20.94 -16.43
C GLY B 209 12.54 -19.43 -16.36
N ASP B 210 11.46 -18.75 -15.95
CA ASP B 210 11.42 -17.30 -15.96
C ASP B 210 12.26 -16.77 -14.80
N ILE B 211 12.97 -15.68 -15.03
CA ILE B 211 13.66 -14.99 -13.93
C ILE B 211 13.12 -13.56 -13.95
N ALA B 212 12.65 -13.08 -12.81
CA ALA B 212 12.04 -11.76 -12.78
C ALA B 212 12.81 -10.83 -11.89
N GLU B 213 13.00 -9.64 -12.40
CA GLU B 213 13.57 -8.54 -11.64
C GLU B 213 12.39 -7.64 -11.30
N ILE B 214 12.12 -7.45 -10.01
CA ILE B 214 10.94 -6.71 -9.57
C ILE B 214 11.39 -5.48 -8.82
N THR B 215 10.86 -4.31 -9.20
CA THR B 215 11.12 -3.13 -8.35
C THR B 215 9.77 -2.60 -7.91
N ARG B 216 9.76 -1.49 -7.18
CA ARG B 216 8.48 -0.85 -6.82
C ARG B 216 7.72 -0.44 -8.06
N ARG B 217 8.44 -0.13 -9.14
CA ARG B 217 7.79 0.46 -10.31
C ARG B 217 7.79 -0.37 -11.57
N SER B 218 8.49 -1.48 -11.59
CA SER B 218 8.62 -2.20 -12.86
C SER B 218 8.79 -3.69 -12.60
N VAL B 219 8.41 -4.50 -13.56
CA VAL B 219 8.59 -5.93 -13.48
C VAL B 219 9.21 -6.30 -14.84
N ASN B 220 10.40 -6.87 -14.80
CA ASN B 220 11.11 -7.23 -16.04
C ASN B 220 11.42 -8.72 -15.97
N ILE B 221 11.02 -9.48 -16.98
CA ILE B 221 11.14 -10.92 -16.89
C ILE B 221 12.02 -11.40 -18.02
N PHE B 222 12.87 -12.40 -17.74
CA PHE B 222 13.90 -12.82 -18.67
C PHE B 222 13.90 -14.33 -18.61
N ASP B 223 14.43 -14.96 -19.62
CA ASP B 223 14.75 -16.38 -19.50
C ASP B 223 16.21 -16.56 -19.15
N LYS B 224 16.65 -17.82 -19.11
CA LYS B 224 18.00 -18.13 -18.68
C LYS B 224 19.13 -17.62 -19.59
N THR B 225 18.81 -17.30 -20.84
CA THR B 225 19.83 -16.72 -21.72
C THR B 225 19.84 -15.20 -21.60
N GLY B 226 19.01 -14.69 -20.69
CA GLY B 226 18.92 -13.26 -20.51
C GLY B 226 18.04 -12.54 -21.49
N ALA B 227 17.28 -13.27 -22.30
CA ALA B 227 16.34 -12.65 -23.21
C ALA B 227 15.15 -12.14 -22.45
N GLU B 228 14.63 -10.97 -22.82
CA GLU B 228 13.47 -10.42 -22.16
C GLU B 228 12.27 -11.15 -22.74
N VAL B 229 11.32 -11.49 -21.88
CA VAL B 229 10.09 -12.18 -22.30
C VAL B 229 8.90 -11.36 -21.85
N LYS B 230 7.79 -11.58 -22.52
CA LYS B 230 6.61 -10.78 -22.28
C LYS B 230 5.61 -11.70 -21.61
N ARG B 231 5.10 -11.28 -20.46
CA ARG B 231 4.13 -12.11 -19.75
C ARG B 231 2.94 -11.20 -19.52
N GLN B 232 1.75 -11.74 -19.65
CA GLN B 232 0.56 -10.91 -19.57
C GLN B 232 0.07 -10.82 -18.13
N ASP B 233 -0.36 -9.64 -17.72
CA ASP B 233 -1.01 -9.55 -16.42
C ASP B 233 -2.51 -9.84 -16.55
N ILE B 234 -3.09 -10.40 -15.51
CA ILE B 234 -4.53 -10.76 -15.52
C ILE B 234 -5.13 -10.34 -14.23
N GLU B 235 -6.42 -10.02 -14.27
CA GLU B 235 -7.12 -9.63 -13.09
C GLU B 235 -7.83 -10.88 -12.56
N SER B 236 -7.58 -11.19 -11.31
CA SER B 236 -8.17 -12.35 -10.67
C SER B 236 -9.54 -11.97 -10.12
N ASN B 237 -10.49 -12.89 -10.23
CA ASN B 237 -11.84 -12.68 -9.67
C ASN B 237 -12.15 -13.54 -8.44
N LEU B 238 -11.09 -14.04 -7.80
CA LEU B 238 -11.22 -14.82 -6.58
C LEU B 238 -11.40 -13.92 -5.37
N GLN B 239 -12.12 -14.39 -4.36
CA GLN B 239 -12.26 -13.64 -3.12
C GLN B 239 -11.45 -14.31 -2.02
NA NA C . -27.92 17.00 4.32
C ACT D . -29.63 8.50 -0.07
O ACT D . -29.18 7.56 0.66
OXT ACT D . -28.96 9.58 -0.11
CH3 ACT D . -30.88 8.34 -0.87
N GLU E . -21.25 23.28 -4.67
CA GLU E . -19.78 22.96 -4.75
C GLU E . -19.05 23.83 -5.77
O GLU E . -17.81 23.89 -5.76
CB GLU E . -19.56 21.50 -5.09
CG GLU E . -20.09 21.04 -6.47
CD GLU E . -19.75 19.58 -6.70
OE1 GLU E . -20.41 18.72 -6.08
OE2 GLU E . -18.85 19.27 -7.52
OXT GLU E . -19.74 24.48 -6.57
NA NA F . 14.77 -26.57 -11.99
N GLU G . 14.59 -27.75 0.76
CA GLU G . 14.36 -26.47 1.49
C GLU G . 14.48 -26.74 2.97
O GLU G . 14.54 -25.78 3.74
CB GLU G . 12.99 -25.88 1.17
CG GLU G . 11.81 -26.82 1.48
CD GLU G . 10.47 -26.15 1.22
OE1 GLU G . 10.06 -26.06 0.04
OE2 GLU G . 9.82 -25.70 2.17
OXT GLU G . 14.53 -27.92 3.38
#